data_3PA9
#
_entry.id   3PA9
#
_cell.length_a   154.135
_cell.length_b   85.532
_cell.length_c   79.033
_cell.angle_alpha   90.00
_cell.angle_beta   90.00
_cell.angle_gamma   90.00
#
_symmetry.space_group_name_H-M   'C 2 2 21'
#
loop_
_entity.id
_entity.type
_entity.pdbx_description
1 polymer 'Aspartate aminotransferase'
2 non-polymer '4-aminofuran-2-carboxylic acid'
3 non-polymer "4'-DEOXY-4'-AMINOPYRIDOXAL-5'-PHOSPHATE"
4 non-polymer GLYCEROL
5 non-polymer 'SULFATE ION'
6 water water
#
_entity_poly.entity_id   1
_entity_poly.type   'polypeptide(L)'
_entity_poly.pdbx_seq_one_letter_code
;MFENITAAPADPILGLADLFRADERPGKINLGIGVYKDETGKTPVLTSVKKAEQYLLENETTKNYLGIDGIPEFGRCTQE
LLFGKGSALINDKRARTAQTPGGTGALRVAADFLAKNTSVKRVWVSNPSWPNHKSVFNSAGLEVREYAYYDAENHTLDFD
ALINSLNEAQAGDVVLFHGCCHNPTGIDPTLEQWQTLAQLSVEKGWLPLFDFAYQGFARGLEEDAEGLRAFAAMHKELIV
ASSYSKNFGLYNERVGACTLVAADSETVDRAFSQMKAAIRANYSNPPAHGASVVATILSNDALRAIWEQELTDMRQRIQR
MRQLFVNTLQEKGANRDFSFIIKQNGMFSFSGLTKEQVLRLREEFGVYAVASGRVNVAGMTPDNMAPLCEAIVAVL
;
_entity_poly.pdbx_strand_id   A
#
loop_
_chem_comp.id
_chem_comp.type
_chem_comp.name
_chem_comp.formula
GOL non-polymer GLYCEROL 'C3 H8 O3'
PJ7 non-polymer '4-aminofuran-2-carboxylic acid' 'C5 H5 N O3'
PMP non-polymer 4'-DEOXY-4'-AMINOPYRIDOXAL-5'-PHOSPHATE 'C8 H13 N2 O5 P'
SO4 non-polymer 'SULFATE ION' 'O4 S -2'
#
# COMPACT_ATOMS: atom_id res chain seq x y z
N MET A 1 36.33 -12.40 0.98
CA MET A 1 35.26 -11.83 0.09
CA MET A 1 35.33 -11.78 0.07
CA MET A 1 35.35 -11.75 0.08
C MET A 1 34.41 -10.82 0.82
N PHE A 2 34.17 -11.09 2.10
CA PHE A 2 33.21 -10.30 2.87
C PHE A 2 33.83 -9.29 3.83
N GLU A 3 35.15 -9.31 3.96
CA GLU A 3 35.79 -8.55 5.02
C GLU A 3 35.58 -7.03 4.94
N ASN A 4 35.35 -6.52 3.73
CA ASN A 4 35.23 -5.08 3.51
C ASN A 4 33.84 -4.55 3.18
N ILE A 5 32.83 -5.41 3.33
CA ILE A 5 31.46 -5.01 3.06
C ILE A 5 31.01 -3.93 4.04
N THR A 6 30.40 -2.88 3.50
CA THR A 6 29.82 -1.83 4.33
CA THR A 6 29.84 -1.85 4.36
C THR A 6 28.44 -2.27 4.82
N ALA A 7 28.16 -2.02 6.10
CA ALA A 7 26.87 -2.40 6.67
C ALA A 7 25.76 -1.60 5.99
N ALA A 8 24.60 -2.24 5.85
CA ALA A 8 23.42 -1.56 5.31
C ALA A 8 23.04 -0.43 6.26
N PRO A 9 22.49 0.66 5.71
CA PRO A 9 22.02 1.73 6.60
C PRO A 9 21.09 1.15 7.67
N ALA A 10 21.22 1.64 8.89
CA ALA A 10 20.43 1.17 10.02
C ALA A 10 18.94 1.11 9.66
N ASP A 11 18.31 -0.01 10.00
CA ASP A 11 16.89 -0.21 9.75
C ASP A 11 16.08 0.72 10.68
N PRO A 12 15.36 1.72 10.11
CA PRO A 12 14.64 2.73 10.90
C PRO A 12 13.36 2.21 11.60
N ILE A 13 12.61 1.36 10.89
CA ILE A 13 11.55 0.57 11.52
C ILE A 13 12.35 -0.60 12.05
N LEU A 14 11.99 -1.13 13.22
CA LEU A 14 12.96 -1.91 13.99
C LEU A 14 14.00 -0.89 14.40
N GLY A 15 14.41 -0.87 15.66
CA GLY A 15 15.17 0.29 16.09
C GLY A 15 14.16 1.28 16.62
N LEU A 16 13.22 1.74 15.78
CA LEU A 16 12.03 2.42 16.32
C LEU A 16 11.24 1.42 17.16
N ALA A 17 11.00 0.23 16.60
CA ALA A 17 10.37 -0.87 17.32
C ALA A 17 11.20 -1.28 18.54
N ASP A 18 12.52 -1.33 18.36
CA ASP A 18 13.45 -1.66 19.44
C ASP A 18 13.41 -0.64 20.56
N LEU A 19 13.43 0.64 20.20
CA LEU A 19 13.38 1.72 21.19
C LEU A 19 12.07 1.66 21.96
N PHE A 20 10.98 1.41 21.24
CA PHE A 20 9.67 1.31 21.88
C PHE A 20 9.64 0.19 22.93
N ARG A 21 10.20 -0.97 22.55
CA ARG A 21 10.27 -2.14 23.43
C ARG A 21 11.01 -1.81 24.72
N ALA A 22 12.18 -1.19 24.57
CA ALA A 22 13.07 -0.90 25.70
C ALA A 22 12.54 0.18 26.65
N ASP A 23 11.59 0.97 26.16
CA ASP A 23 11.02 2.09 26.93
C ASP A 23 10.21 1.56 28.13
N GLU A 24 10.69 1.89 29.33
CA GLU A 24 10.11 1.35 30.56
C GLU A 24 8.87 2.11 31.01
N ARG A 25 8.60 3.25 30.39
CA ARG A 25 7.50 4.11 30.83
C ARG A 25 6.14 3.51 30.58
N PRO A 26 5.27 3.55 31.61
CA PRO A 26 3.87 3.25 31.36
C PRO A 26 3.31 4.35 30.47
N GLY A 27 2.29 4.02 29.70
CA GLY A 27 1.59 5.04 28.92
C GLY A 27 2.27 5.33 27.60
N LYS A 28 3.34 4.58 27.30
CA LYS A 28 4.00 4.70 26.00
C LYS A 28 3.04 4.28 24.89
N ILE A 29 3.15 4.93 23.73
CA ILE A 29 2.22 4.66 22.62
C ILE A 29 3.00 4.59 21.30
N ASN A 30 2.77 3.51 20.54
CA ASN A 30 3.46 3.32 19.27
C ASN A 30 2.59 3.63 18.05
N LEU A 31 2.81 4.82 17.47
CA LEU A 31 2.14 5.19 16.23
C LEU A 31 3.02 4.96 15.00
N GLY A 32 4.18 4.33 15.22
CA GLY A 32 5.12 4.10 14.11
C GLY A 32 4.95 2.74 13.44
N ILE A 33 3.94 2.00 13.88
CA ILE A 33 3.65 0.65 13.39
C ILE A 33 3.19 0.65 11.94
N GLY A 34 3.47 -0.45 11.23
CA GLY A 34 3.09 -0.57 9.85
C GLY A 34 1.72 -1.23 9.64
N VAL A 35 1.29 -2.03 10.62
CA VAL A 35 0.13 -2.90 10.48
C VAL A 35 -1.14 -2.30 11.08
N TYR A 36 -2.29 -2.88 10.75
CA TYR A 36 -3.53 -2.54 11.41
C TYR A 36 -3.53 -3.10 12.85
N LYS A 37 -4.10 -2.34 13.78
CA LYS A 37 -4.36 -2.86 15.12
C LYS A 37 -5.80 -2.55 15.47
N ASP A 38 -6.44 -3.45 16.21
CA ASP A 38 -7.83 -3.22 16.62
C ASP A 38 -7.89 -2.37 17.89
N GLU A 39 -9.09 -2.23 18.47
CA GLU A 39 -9.28 -1.38 19.65
CA GLU A 39 -9.27 -1.36 19.64
C GLU A 39 -8.51 -1.87 20.87
N THR A 40 -8.15 -3.16 20.88
CA THR A 40 -7.36 -3.73 21.99
C THR A 40 -5.85 -3.70 21.76
N GLY A 41 -5.42 -3.16 20.62
CA GLY A 41 -3.98 -3.09 20.30
C GLY A 41 -3.41 -4.37 19.71
N LYS A 42 -4.29 -5.24 19.24
CA LYS A 42 -3.92 -6.52 18.64
CA LYS A 42 -3.86 -6.49 18.63
C LYS A 42 -4.05 -6.48 17.13
N THR A 43 -3.30 -7.34 16.45
CA THR A 43 -3.40 -7.54 15.01
C THR A 43 -3.86 -8.99 14.84
N PRO A 44 -5.14 -9.31 15.17
N PRO A 44 -5.19 -9.23 14.91
CA PRO A 44 -5.52 -10.72 15.09
CA PRO A 44 -5.70 -10.60 14.94
C PRO A 44 -5.63 -11.28 13.68
C PRO A 44 -5.57 -11.29 13.59
N VAL A 45 -5.70 -12.60 13.60
CA VAL A 45 -5.98 -13.30 12.38
C VAL A 45 -7.48 -13.09 12.17
N LEU A 46 -7.87 -12.69 10.98
CA LEU A 46 -9.30 -12.51 10.68
C LEU A 46 -10.04 -13.82 10.82
N THR A 47 -11.29 -13.72 11.24
CA THR A 47 -12.12 -14.91 11.39
C THR A 47 -12.32 -15.62 10.04
N SER A 48 -12.57 -14.85 8.98
CA SER A 48 -12.70 -15.42 7.64
C SER A 48 -11.43 -16.22 7.25
N VAL A 49 -10.28 -15.68 7.62
CA VAL A 49 -8.99 -16.37 7.36
C VAL A 49 -8.87 -17.66 8.18
N LYS A 50 -9.18 -17.61 9.48
CA LYS A 50 -9.16 -18.84 10.29
C LYS A 50 -10.08 -19.91 9.71
N LYS A 51 -11.28 -19.50 9.31
CA LYS A 51 -12.24 -20.45 8.71
C LYS A 51 -11.64 -21.06 7.43
N ALA A 52 -11.04 -20.22 6.60
CA ALA A 52 -10.45 -20.73 5.36
C ALA A 52 -9.27 -21.65 5.67
N GLU A 53 -8.47 -21.30 6.68
CA GLU A 53 -7.31 -22.15 7.04
C GLU A 53 -7.76 -23.52 7.54
N GLN A 54 -8.89 -23.56 8.26
CA GLN A 54 -9.43 -24.84 8.71
CA GLN A 54 -9.46 -24.83 8.72
C GLN A 54 -9.85 -25.68 7.51
N TYR A 55 -10.52 -25.05 6.56
CA TYR A 55 -10.95 -25.73 5.32
C TYR A 55 -9.74 -26.31 4.56
N LEU A 56 -8.68 -25.52 4.44
CA LEU A 56 -7.48 -26.01 3.76
C LEU A 56 -6.84 -27.19 4.51
N LEU A 57 -6.78 -27.10 5.84
CA LEU A 57 -6.20 -28.20 6.62
C LEU A 57 -6.98 -29.50 6.36
N GLU A 58 -8.30 -29.37 6.29
CA GLU A 58 -9.17 -30.52 6.10
C GLU A 58 -9.13 -31.09 4.69
N ASN A 59 -8.86 -30.25 3.70
CA ASN A 59 -9.08 -30.62 2.31
CA ASN A 59 -9.07 -30.65 2.31
C ASN A 59 -7.83 -30.74 1.43
N GLU A 60 -6.75 -30.08 1.84
CA GLU A 60 -5.51 -30.20 1.05
C GLU A 60 -4.98 -31.62 1.10
N THR A 61 -4.65 -32.16 -0.07
CA THR A 61 -4.08 -33.52 -0.21
C THR A 61 -2.66 -33.54 -0.78
N THR A 62 -2.12 -32.37 -1.13
CA THR A 62 -0.75 -32.30 -1.62
C THR A 62 -0.22 -30.88 -1.40
N LYS A 63 1.11 -30.76 -1.33
CA LYS A 63 1.74 -29.43 -1.42
C LYS A 63 2.48 -29.27 -2.76
N ASN A 64 2.13 -30.09 -3.75
CA ASN A 64 2.73 -29.99 -5.09
CA ASN A 64 2.78 -29.98 -5.05
C ASN A 64 2.77 -28.53 -5.55
N TYR A 65 3.89 -28.13 -6.17
CA TYR A 65 4.11 -26.76 -6.66
C TYR A 65 2.91 -26.19 -7.41
N LEU A 66 2.62 -24.93 -7.14
CA LEU A 66 1.72 -24.16 -8.00
C LEU A 66 2.46 -23.86 -9.29
N GLY A 67 1.71 -23.48 -10.32
CA GLY A 67 2.33 -22.92 -11.51
C GLY A 67 3.07 -21.63 -11.17
N ILE A 68 3.91 -21.18 -12.10
CA ILE A 68 4.73 -19.98 -11.87
C ILE A 68 3.84 -18.79 -11.47
N ASP A 69 2.67 -18.71 -12.11
CA ASP A 69 1.74 -17.62 -11.84
C ASP A 69 0.75 -17.89 -10.71
N GLY A 70 0.86 -19.06 -10.08
CA GLY A 70 0.09 -19.35 -8.86
C GLY A 70 -1.31 -19.88 -9.15
N ILE A 71 -2.21 -19.70 -8.17
CA ILE A 71 -3.54 -20.34 -8.19
C ILE A 71 -4.44 -19.60 -9.19
N PRO A 72 -4.97 -20.30 -10.21
CA PRO A 72 -5.82 -19.61 -11.20
C PRO A 72 -6.99 -18.83 -10.58
N GLU A 73 -7.70 -19.42 -9.63
CA GLU A 73 -8.84 -18.73 -8.98
C GLU A 73 -8.41 -17.42 -8.29
N PHE A 74 -7.22 -17.43 -7.69
CA PHE A 74 -6.65 -16.24 -7.08
C PHE A 74 -6.49 -15.14 -8.12
N GLY A 75 -5.97 -15.50 -9.28
CA GLY A 75 -5.80 -14.55 -10.40
C GLY A 75 -7.15 -13.99 -10.84
N ARG A 76 -8.13 -14.86 -11.01
CA ARG A 76 -9.45 -14.41 -11.47
C ARG A 76 -10.12 -13.47 -10.47
N CYS A 77 -10.11 -13.87 -9.19
CA CYS A 77 -10.70 -13.01 -8.15
C CYS A 77 -9.97 -11.67 -8.04
N THR A 78 -8.65 -11.70 -8.18
CA THR A 78 -7.85 -10.49 -8.16
C THR A 78 -8.27 -9.55 -9.29
N GLN A 79 -8.35 -10.07 -10.52
CA GLN A 79 -8.74 -9.22 -11.64
C GLN A 79 -10.13 -8.61 -11.46
N GLU A 80 -11.05 -9.38 -10.89
CA GLU A 80 -12.39 -8.84 -10.61
CA GLU A 80 -12.40 -8.87 -10.59
C GLU A 80 -12.37 -7.74 -9.57
N LEU A 81 -11.57 -7.91 -8.51
CA LEU A 81 -11.43 -6.83 -7.52
C LEU A 81 -10.87 -5.57 -8.17
N LEU A 82 -9.87 -5.71 -9.04
CA LEU A 82 -9.19 -4.57 -9.61
C LEU A 82 -10.08 -3.85 -10.64
N PHE A 83 -10.65 -4.63 -11.56
CA PHE A 83 -11.24 -4.07 -12.77
C PHE A 83 -12.76 -4.04 -12.77
N GLY A 84 -13.36 -4.83 -11.88
CA GLY A 84 -14.81 -4.99 -11.78
C GLY A 84 -15.28 -6.18 -12.60
N LYS A 85 -16.29 -6.88 -12.08
CA LYS A 85 -16.88 -8.01 -12.80
C LYS A 85 -17.47 -7.48 -14.11
N GLY A 86 -17.25 -8.22 -15.19
CA GLY A 86 -17.70 -7.79 -16.53
C GLY A 86 -16.90 -6.68 -17.19
N SER A 87 -15.76 -6.32 -16.60
CA SER A 87 -14.83 -5.38 -17.24
C SER A 87 -14.45 -5.85 -18.63
N ALA A 88 -14.36 -4.89 -19.58
CA ALA A 88 -13.87 -5.15 -20.93
C ALA A 88 -12.49 -5.79 -20.94
N LEU A 89 -11.62 -5.34 -20.03
CA LEU A 89 -10.25 -5.87 -19.93
C LEU A 89 -10.28 -7.36 -19.65
N ILE A 90 -11.21 -7.79 -18.80
CA ILE A 90 -11.36 -9.20 -18.48
C ILE A 90 -11.98 -9.95 -19.67
N ASN A 91 -13.10 -9.44 -20.18
CA ASN A 91 -13.78 -10.08 -21.29
C ASN A 91 -12.90 -10.26 -22.52
N ASP A 92 -12.05 -9.26 -22.78
CA ASP A 92 -11.16 -9.26 -23.93
C ASP A 92 -9.83 -10.00 -23.65
N LYS A 93 -9.73 -10.59 -22.47
CA LYS A 93 -8.55 -11.37 -22.05
C LYS A 93 -7.25 -10.57 -22.21
N ARG A 94 -7.30 -9.30 -21.82
CA ARG A 94 -6.17 -8.37 -21.95
C ARG A 94 -5.27 -8.35 -20.71
N ALA A 95 -5.67 -9.08 -19.68
CA ALA A 95 -4.93 -9.06 -18.40
C ALA A 95 -4.47 -10.45 -17.98
N ARG A 96 -3.26 -10.52 -17.44
CA ARG A 96 -2.74 -11.77 -16.90
C ARG A 96 -2.21 -11.42 -15.52
N THR A 97 -2.46 -12.31 -14.57
CA THR A 97 -2.06 -12.07 -13.18
C THR A 97 -1.12 -13.16 -12.69
N ALA A 98 -0.01 -12.75 -12.07
CA ALA A 98 0.83 -13.68 -11.33
C ALA A 98 0.63 -13.41 -9.85
N GLN A 99 0.28 -14.46 -9.12
CA GLN A 99 0.32 -14.45 -7.65
C GLN A 99 1.78 -14.28 -7.24
N THR A 100 2.05 -13.36 -6.31
CA THR A 100 3.43 -13.05 -5.87
C THR A 100 3.56 -13.08 -4.35
N PRO A 101 4.81 -13.16 -3.82
CA PRO A 101 5.02 -13.03 -2.37
C PRO A 101 4.86 -11.57 -1.95
N GLY A 102 3.63 -11.19 -1.70
CA GLY A 102 3.28 -9.85 -1.23
C GLY A 102 3.25 -8.78 -2.30
N GLY A 103 2.82 -7.58 -1.91
CA GLY A 103 2.92 -6.40 -2.78
C GLY A 103 4.36 -6.13 -3.21
N THR A 104 5.30 -6.30 -2.28
CA THR A 104 6.72 -6.03 -2.57
C THR A 104 7.19 -6.96 -3.67
N GLY A 105 6.87 -8.25 -3.53
CA GLY A 105 7.19 -9.23 -4.56
C GLY A 105 6.61 -8.83 -5.92
N ALA A 106 5.36 -8.36 -5.90
CA ALA A 106 4.73 -7.90 -7.16
C ALA A 106 5.50 -6.74 -7.78
N LEU A 107 5.92 -5.78 -6.96
CA LEU A 107 6.67 -4.61 -7.46
C LEU A 107 8.02 -5.05 -8.04
N ARG A 108 8.68 -5.98 -7.36
CA ARG A 108 9.98 -6.45 -7.87
CA ARG A 108 9.98 -6.50 -7.83
C ARG A 108 9.85 -7.26 -9.14
N VAL A 109 8.84 -8.13 -9.22
CA VAL A 109 8.59 -8.85 -10.44
C VAL A 109 8.31 -7.87 -11.61
N ALA A 110 7.49 -6.86 -11.35
CA ALA A 110 7.24 -5.81 -12.35
C ALA A 110 8.54 -5.15 -12.78
N ALA A 111 9.36 -4.77 -11.80
CA ALA A 111 10.63 -4.07 -12.06
C ALA A 111 11.58 -4.95 -12.89
N ASP A 112 11.74 -6.22 -12.51
CA ASP A 112 12.62 -7.16 -13.24
C ASP A 112 12.10 -7.38 -14.66
N PHE A 113 10.79 -7.56 -14.79
CA PHE A 113 10.17 -7.73 -16.09
C PHE A 113 10.46 -6.52 -16.99
N LEU A 114 10.25 -5.33 -16.46
CA LEU A 114 10.48 -4.09 -17.22
C LEU A 114 11.96 -3.91 -17.57
N ALA A 115 12.84 -4.11 -16.61
CA ALA A 115 14.28 -3.94 -16.85
C ALA A 115 14.78 -4.84 -17.98
N LYS A 116 14.33 -6.09 -17.97
CA LYS A 116 14.83 -7.13 -18.90
C LYS A 116 14.16 -7.18 -20.26
N ASN A 117 12.93 -6.67 -20.38
CA ASN A 117 12.13 -6.90 -21.58
C ASN A 117 11.64 -5.66 -22.29
N THR A 118 11.94 -4.49 -21.72
CA THR A 118 11.50 -3.22 -22.31
C THR A 118 12.62 -2.19 -22.26
N SER A 119 12.35 -1.03 -22.84
CA SER A 119 13.28 0.10 -22.86
C SER A 119 13.24 0.93 -21.58
N VAL A 120 12.36 0.57 -20.64
CA VAL A 120 12.20 1.37 -19.40
C VAL A 120 13.52 1.50 -18.65
N LYS A 121 13.87 2.72 -18.29
CA LYS A 121 15.07 2.98 -17.50
C LYS A 121 14.75 3.72 -16.21
N ARG A 122 13.55 4.28 -16.13
CA ARG A 122 13.21 5.23 -15.09
C ARG A 122 11.79 5.06 -14.58
N VAL A 123 11.62 5.11 -13.26
CA VAL A 123 10.30 5.04 -12.64
C VAL A 123 10.06 6.33 -11.83
N TRP A 124 8.91 6.96 -12.04
CA TRP A 124 8.54 8.16 -11.28
C TRP A 124 7.66 7.81 -10.07
N VAL A 125 8.09 8.28 -8.90
CA VAL A 125 7.46 8.01 -7.62
CA VAL A 125 7.36 8.02 -7.66
C VAL A 125 7.09 9.33 -6.93
N SER A 126 5.99 9.36 -6.18
CA SER A 126 5.61 10.57 -5.48
C SER A 126 6.62 10.92 -4.40
N ASN A 127 6.77 12.22 -4.18
CA ASN A 127 7.45 12.71 -3.00
C ASN A 127 6.40 13.25 -2.01
N PRO A 128 6.17 12.55 -0.89
CA PRO A 128 6.83 11.36 -0.37
C PRO A 128 6.17 10.07 -0.90
N SER A 129 6.83 8.95 -0.64
CA SER A 129 6.23 7.63 -0.89
C SER A 129 6.73 6.63 0.15
N TRP A 130 6.28 5.39 0.04
CA TRP A 130 6.82 4.32 0.85
C TRP A 130 8.32 4.23 0.52
N PRO A 131 9.21 4.29 1.53
CA PRO A 131 10.64 4.32 1.23
C PRO A 131 11.17 3.11 0.48
N ASN A 132 10.51 1.95 0.60
CA ASN A 132 11.00 0.78 -0.11
C ASN A 132 10.79 0.82 -1.64
N HIS A 133 9.93 1.71 -2.14
CA HIS A 133 9.77 1.83 -3.59
C HIS A 133 11.13 2.06 -4.27
N LYS A 134 11.89 3.03 -3.79
CA LYS A 134 13.19 3.31 -4.40
C LYS A 134 14.10 2.08 -4.40
N SER A 135 14.14 1.38 -3.26
CA SER A 135 14.99 0.20 -3.10
C SER A 135 14.62 -0.89 -4.10
N VAL A 136 13.32 -1.13 -4.27
CA VAL A 136 12.88 -2.18 -5.17
C VAL A 136 13.27 -1.86 -6.62
N PHE A 137 12.93 -0.66 -7.09
CA PHE A 137 13.23 -0.31 -8.47
C PHE A 137 14.73 -0.26 -8.73
N ASN A 138 15.48 0.37 -7.82
CA ASN A 138 16.94 0.41 -7.93
C ASN A 138 17.55 -0.98 -8.02
N SER A 139 17.03 -1.93 -7.24
CA SER A 139 17.54 -3.31 -7.22
CA SER A 139 17.59 -3.28 -7.24
C SER A 139 17.48 -3.96 -8.60
N ALA A 140 16.47 -3.58 -9.39
CA ALA A 140 16.28 -4.12 -10.73
C ALA A 140 17.06 -3.33 -11.76
N GLY A 141 17.78 -2.30 -11.30
CA GLY A 141 18.61 -1.48 -12.16
C GLY A 141 17.90 -0.29 -12.75
N LEU A 142 16.74 0.06 -12.18
CA LEU A 142 15.96 1.19 -12.67
C LEU A 142 16.18 2.45 -11.83
N GLU A 143 16.34 3.59 -12.53
CA GLU A 143 16.44 4.88 -11.86
CA GLU A 143 16.44 4.88 -11.86
C GLU A 143 15.09 5.27 -11.30
N VAL A 144 15.09 5.95 -10.16
CA VAL A 144 13.87 6.48 -9.57
C VAL A 144 13.95 8.01 -9.53
N ARG A 145 12.92 8.65 -10.09
CA ARG A 145 12.77 10.11 -10.03
CA ARG A 145 12.79 10.10 -9.98
C ARG A 145 11.51 10.45 -9.23
N GLU A 146 11.50 11.62 -8.60
CA GLU A 146 10.34 12.01 -7.78
C GLU A 146 9.49 13.07 -8.44
N TYR A 147 8.18 12.92 -8.25
CA TYR A 147 7.25 13.97 -8.59
C TYR A 147 6.61 14.59 -7.34
N ALA A 148 6.39 15.91 -7.40
CA ALA A 148 5.74 16.63 -6.31
C ALA A 148 4.37 16.07 -6.04
N TYR A 149 3.94 16.11 -4.78
CA TYR A 149 2.70 15.48 -4.39
C TYR A 149 2.02 16.23 -3.24
N TYR A 150 2.78 16.44 -2.17
CA TYR A 150 2.25 16.92 -0.90
C TYR A 150 2.43 18.42 -0.72
N ASP A 151 1.32 19.12 -0.51
CA ASP A 151 1.32 20.54 -0.12
C ASP A 151 1.39 20.60 1.42
N ALA A 152 2.59 20.80 1.96
CA ALA A 152 2.83 20.82 3.41
C ALA A 152 2.12 21.97 4.14
N GLU A 153 1.80 23.05 3.41
CA GLU A 153 1.10 24.19 3.99
CA GLU A 153 1.08 24.20 3.98
C GLU A 153 -0.37 23.86 4.24
N ASN A 154 -1.05 23.32 3.22
CA ASN A 154 -2.47 23.04 3.29
C ASN A 154 -2.83 21.57 3.58
N HIS A 155 -1.82 20.71 3.69
CA HIS A 155 -2.01 19.26 3.96
C HIS A 155 -2.92 18.59 2.92
N THR A 156 -2.73 18.96 1.65
CA THR A 156 -3.55 18.46 0.54
C THR A 156 -2.67 18.03 -0.62
N LEU A 157 -3.29 17.56 -1.70
CA LEU A 157 -2.58 17.19 -2.93
CA LEU A 157 -2.59 17.19 -2.93
C LEU A 157 -2.25 18.47 -3.71
N ASP A 158 -0.96 18.70 -3.92
CA ASP A 158 -0.51 19.82 -4.74
C ASP A 158 -0.61 19.42 -6.20
N PHE A 159 -1.83 19.49 -6.74
CA PHE A 159 -2.09 18.92 -8.05
C PHE A 159 -1.34 19.64 -9.16
N ASP A 160 -1.21 20.96 -9.05
CA ASP A 160 -0.45 21.72 -10.03
C ASP A 160 1.01 21.35 -10.04
N ALA A 161 1.60 21.23 -8.85
CA ALA A 161 3.00 20.86 -8.70
C ALA A 161 3.23 19.45 -9.25
N LEU A 162 2.26 18.56 -9.01
CA LEU A 162 2.33 17.19 -9.51
C LEU A 162 2.45 17.19 -11.04
N ILE A 163 1.50 17.85 -11.72
CA ILE A 163 1.47 17.91 -13.19
C ILE A 163 2.74 18.55 -13.75
N ASN A 164 3.20 19.63 -13.10
CA ASN A 164 4.41 20.32 -13.54
CA ASN A 164 4.42 20.32 -13.51
C ASN A 164 5.66 19.44 -13.43
N SER A 165 5.80 18.73 -12.30
CA SER A 165 6.89 17.78 -12.05
CA SER A 165 6.93 17.84 -12.10
C SER A 165 6.93 16.71 -13.12
N LEU A 166 5.75 16.15 -13.41
CA LEU A 166 5.63 15.04 -14.34
C LEU A 166 5.82 15.44 -15.80
N ASN A 167 5.83 16.73 -16.08
CA ASN A 167 6.22 17.17 -17.41
C ASN A 167 7.66 16.79 -17.80
N GLU A 168 8.51 16.55 -16.79
CA GLU A 168 9.90 16.12 -17.03
CA GLU A 168 9.88 16.13 -17.05
C GLU A 168 9.96 14.65 -17.43
N ALA A 169 8.87 13.91 -17.19
CA ALA A 169 8.84 12.49 -17.54
C ALA A 169 8.76 12.31 -19.05
N GLN A 170 9.62 11.46 -19.59
CA GLN A 170 9.64 11.22 -21.03
C GLN A 170 8.69 10.09 -21.41
N ALA A 171 8.28 10.07 -22.67
CA ALA A 171 7.52 8.93 -23.17
C ALA A 171 8.31 7.63 -22.95
N GLY A 172 7.64 6.63 -22.40
CA GLY A 172 8.27 5.34 -22.11
C GLY A 172 8.81 5.23 -20.69
N ASP A 173 8.70 6.31 -19.93
CA ASP A 173 8.98 6.26 -18.48
C ASP A 173 7.78 5.64 -17.78
N VAL A 174 8.03 5.00 -16.62
CA VAL A 174 6.97 4.44 -15.80
C VAL A 174 6.60 5.50 -14.77
N VAL A 175 5.30 5.66 -14.53
CA VAL A 175 4.85 6.51 -13.43
C VAL A 175 4.06 5.65 -12.45
N LEU A 176 4.52 5.66 -11.20
CA LEU A 176 3.87 4.87 -10.16
CA LEU A 176 3.90 4.88 -10.13
C LEU A 176 2.80 5.69 -9.44
N PHE A 177 1.60 5.11 -9.36
CA PHE A 177 0.47 5.73 -8.67
C PHE A 177 0.02 4.82 -7.54
N HIS A 178 -0.21 5.40 -6.36
CA HIS A 178 -0.82 4.62 -5.27
C HIS A 178 -2.32 4.59 -5.57
N GLY A 179 -2.90 3.39 -5.66
CA GLY A 179 -4.30 3.25 -6.06
C GLY A 179 -5.28 3.97 -5.14
N CYS A 180 -5.06 3.87 -3.83
CA CYS A 180 -5.85 4.55 -2.81
C CYS A 180 -5.03 4.52 -1.53
N CYS A 181 -5.45 5.29 -0.53
CA CYS A 181 -4.71 5.37 0.74
C CYS A 181 -3.23 5.61 0.48
N HIS A 182 -2.90 6.71 -0.18
CA HIS A 182 -1.50 7.04 -0.41
C HIS A 182 -0.68 6.87 0.87
N ASN A 183 0.48 6.22 0.76
CA ASN A 183 1.39 6.02 1.89
C ASN A 183 2.61 6.90 1.63
N PRO A 184 2.91 7.86 2.53
CA PRO A 184 2.43 8.06 3.92
C PRO A 184 1.32 9.07 4.19
N THR A 185 0.80 9.74 3.14
CA THR A 185 -0.02 10.95 3.36
C THR A 185 -1.53 10.73 3.57
N GLY A 186 -2.04 9.61 3.05
CA GLY A 186 -3.47 9.38 3.06
C GLY A 186 -4.23 10.32 2.12
N ILE A 187 -3.50 11.07 1.29
CA ILE A 187 -4.10 11.99 0.34
C ILE A 187 -4.19 11.33 -1.03
N ASP A 188 -5.42 11.16 -1.53
CA ASP A 188 -5.67 10.52 -2.83
C ASP A 188 -6.28 11.52 -3.82
N PRO A 189 -5.99 11.35 -5.12
CA PRO A 189 -6.69 12.15 -6.12
C PRO A 189 -8.19 11.89 -6.06
N THR A 190 -8.98 12.93 -6.33
CA THR A 190 -10.40 12.75 -6.57
C THR A 190 -10.57 12.00 -7.88
N LEU A 191 -11.78 11.51 -8.15
CA LEU A 191 -12.03 10.83 -9.43
C LEU A 191 -11.70 11.74 -10.63
N GLU A 192 -12.13 12.99 -10.55
CA GLU A 192 -11.83 13.92 -11.64
C GLU A 192 -10.33 14.14 -11.84
N GLN A 193 -9.59 14.20 -10.73
CA GLN A 193 -8.13 14.28 -10.79
C GLN A 193 -7.53 13.01 -11.40
N TRP A 194 -8.01 11.85 -10.97
CA TRP A 194 -7.60 10.60 -11.61
C TRP A 194 -7.84 10.61 -13.13
N GLN A 195 -9.00 11.13 -13.53
CA GLN A 195 -9.37 11.19 -14.95
C GLN A 195 -8.45 12.12 -15.75
N THR A 196 -8.12 13.26 -15.14
CA THR A 196 -7.14 14.20 -15.70
C THR A 196 -5.77 13.53 -15.87
N LEU A 197 -5.34 12.79 -14.84
CA LEU A 197 -4.07 12.06 -14.92
C LEU A 197 -4.09 10.95 -15.97
N ALA A 198 -5.24 10.29 -16.13
CA ALA A 198 -5.36 9.19 -17.10
C ALA A 198 -5.15 9.72 -18.52
N GLN A 199 -5.82 10.85 -18.82
CA GLN A 199 -5.70 11.50 -20.12
CA GLN A 199 -5.70 11.48 -20.13
C GLN A 199 -4.26 11.98 -20.38
N LEU A 200 -3.67 12.62 -19.37
CA LEU A 200 -2.30 13.14 -19.47
C LEU A 200 -1.31 12.00 -19.72
N SER A 201 -1.46 10.90 -18.97
CA SER A 201 -0.59 9.73 -19.17
C SER A 201 -0.67 9.16 -20.59
N VAL A 202 -1.87 9.12 -21.17
CA VAL A 202 -1.99 8.65 -22.55
C VAL A 202 -1.23 9.58 -23.49
N GLU A 203 -1.42 10.89 -23.29
CA GLU A 203 -0.84 11.89 -24.18
C GLU A 203 0.68 11.90 -24.13
N LYS A 204 1.22 11.72 -22.93
CA LYS A 204 2.65 11.78 -22.68
C LYS A 204 3.41 10.46 -22.87
N GLY A 205 2.67 9.35 -23.02
CA GLY A 205 3.28 8.05 -23.26
C GLY A 205 3.91 7.40 -22.03
N TRP A 206 3.38 7.69 -20.85
CA TRP A 206 3.81 7.03 -19.61
C TRP A 206 3.24 5.62 -19.50
N LEU A 207 3.99 4.70 -18.92
CA LEU A 207 3.42 3.41 -18.57
C LEU A 207 2.98 3.50 -17.12
N PRO A 208 1.66 3.42 -16.86
CA PRO A 208 1.22 3.47 -15.47
C PRO A 208 1.52 2.18 -14.71
N LEU A 209 2.04 2.36 -13.51
CA LEU A 209 2.22 1.25 -12.59
CA LEU A 209 2.22 1.24 -12.58
C LEU A 209 1.42 1.59 -11.34
N PHE A 210 0.31 0.88 -11.13
CA PHE A 210 -0.50 1.10 -9.92
C PHE A 210 -0.01 0.20 -8.80
N ASP A 211 0.19 0.81 -7.64
CA ASP A 211 0.50 0.06 -6.43
C ASP A 211 -0.76 0.13 -5.58
N PHE A 212 -1.39 -1.02 -5.36
CA PHE A 212 -2.68 -1.10 -4.70
CA PHE A 212 -2.67 -1.12 -4.66
C PHE A 212 -2.51 -1.99 -3.45
N ALA A 213 -2.02 -1.40 -2.36
CA ALA A 213 -1.77 -2.15 -1.13
C ALA A 213 -2.90 -2.04 -0.10
N TYR A 214 -3.89 -1.17 -0.35
CA TYR A 214 -4.93 -0.85 0.67
C TYR A 214 -6.35 -0.82 0.14
N GLN A 215 -6.64 -1.68 -0.84
CA GLN A 215 -7.98 -1.65 -1.42
C GLN A 215 -9.01 -1.97 -0.34
N GLY A 216 -9.99 -1.08 -0.17
CA GLY A 216 -11.01 -1.22 0.86
C GLY A 216 -10.82 -0.37 2.10
N PHE A 217 -9.66 0.27 2.23
N PHE A 217 -9.65 0.24 2.26
CA PHE A 217 -9.35 1.05 3.43
CA PHE A 217 -9.35 1.03 3.48
C PHE A 217 -9.66 2.54 3.32
C PHE A 217 -9.82 2.49 3.35
N ALA A 218 -10.04 2.98 2.12
CA ALA A 218 -10.40 4.37 1.91
C ALA A 218 -11.92 4.55 2.01
N ARG A 219 -12.65 4.11 0.99
CA ARG A 219 -14.12 4.20 1.02
C ARG A 219 -14.80 2.83 0.89
N GLY A 220 -14.22 1.97 0.07
CA GLY A 220 -14.78 0.63 -0.12
C GLY A 220 -14.08 -0.04 -1.27
N LEU A 221 -14.33 -1.33 -1.47
CA LEU A 221 -13.60 -2.05 -2.51
C LEU A 221 -13.78 -1.42 -3.90
N GLU A 222 -15.02 -1.16 -4.31
CA GLU A 222 -15.25 -0.66 -5.68
C GLU A 222 -14.80 0.80 -5.82
N GLU A 223 -15.16 1.61 -4.83
CA GLU A 223 -14.81 3.04 -4.88
CA GLU A 223 -14.81 3.04 -4.82
C GLU A 223 -13.29 3.22 -4.90
N ASP A 224 -12.58 2.38 -4.15
CA ASP A 224 -11.13 2.53 -4.05
C ASP A 224 -10.43 2.19 -5.36
N ALA A 225 -11.12 1.44 -6.22
CA ALA A 225 -10.57 1.06 -7.54
C ALA A 225 -10.94 2.03 -8.67
N GLU A 226 -11.73 3.06 -8.37
CA GLU A 226 -12.17 4.01 -9.41
C GLU A 226 -11.02 4.63 -10.20
N GLY A 227 -9.97 5.05 -9.49
CA GLY A 227 -8.78 5.65 -10.13
C GLY A 227 -8.13 4.70 -11.12
N LEU A 228 -7.83 3.50 -10.66
CA LEU A 228 -7.31 2.45 -11.54
C LEU A 228 -8.20 2.23 -12.77
N ARG A 229 -9.50 2.14 -12.52
CA ARG A 229 -10.44 1.83 -13.60
C ARG A 229 -10.51 2.97 -14.60
N ALA A 230 -10.35 4.21 -14.13
CA ALA A 230 -10.27 5.37 -15.04
C ALA A 230 -9.06 5.27 -15.98
N PHE A 231 -7.95 4.82 -15.43
CA PHE A 231 -6.74 4.61 -16.22
C PHE A 231 -6.92 3.45 -17.19
N ALA A 232 -7.50 2.37 -16.73
CA ALA A 232 -7.68 1.15 -17.52
C ALA A 232 -8.60 1.39 -18.71
N ALA A 233 -9.54 2.32 -18.54
CA ALA A 233 -10.46 2.69 -19.62
C ALA A 233 -9.73 3.39 -20.76
N MET A 234 -8.59 4.00 -20.44
CA MET A 234 -7.87 4.88 -21.37
C MET A 234 -6.61 4.25 -21.96
N HIS A 235 -6.01 3.31 -21.23
CA HIS A 235 -4.72 2.75 -21.64
C HIS A 235 -4.78 1.39 -22.26
N LYS A 236 -3.94 1.17 -23.27
CA LYS A 236 -3.71 -0.15 -23.81
C LYS A 236 -2.92 -1.00 -22.82
N GLU A 237 -1.96 -0.38 -22.14
CA GLU A 237 -0.99 -1.11 -21.29
C GLU A 237 -0.91 -0.53 -19.89
N LEU A 238 -0.81 -1.39 -18.89
CA LEU A 238 -0.45 -0.93 -17.56
C LEU A 238 -0.08 -2.13 -16.70
N ILE A 239 0.37 -1.86 -15.54
CA ILE A 239 0.72 -2.91 -14.59
C ILE A 239 0.15 -2.56 -13.23
N VAL A 240 -0.33 -3.57 -12.49
CA VAL A 240 -0.87 -3.33 -11.16
C VAL A 240 -0.16 -4.27 -10.20
N ALA A 241 0.44 -3.70 -9.15
CA ALA A 241 1.03 -4.52 -8.08
C ALA A 241 0.09 -4.38 -6.90
N SER A 242 -0.57 -5.47 -6.55
CA SER A 242 -1.50 -5.40 -5.43
C SER A 242 -1.08 -6.27 -4.25
N SER A 243 -1.61 -5.93 -3.07
CA SER A 243 -1.26 -6.64 -1.85
C SER A 243 -2.49 -6.90 -1.02
N TYR A 244 -2.52 -8.12 -0.44
CA TYR A 244 -3.57 -8.53 0.49
C TYR A 244 -3.06 -8.57 1.94
N SER A 245 -1.87 -8.02 2.20
CA SER A 245 -1.30 -8.08 3.53
C SER A 245 -2.23 -7.39 4.52
N LYS A 246 -2.70 -6.02 4.25
CA LYS A 246 -3.46 -5.29 5.27
C LYS A 246 -4.90 -5.78 5.21
N ASN A 247 -5.50 -5.82 3.79
CA ASN A 247 -6.99 -6.00 3.77
C ASN A 247 -7.48 -7.42 4.14
N PHE A 248 -6.55 -8.40 4.19
CA PHE A 248 -6.87 -9.74 4.74
C PHE A 248 -6.13 -10.01 6.06
N GLY A 249 -5.37 -9.04 6.56
CA GLY A 249 -4.49 -9.28 7.72
C GLY A 249 -3.58 -10.48 7.51
N LEU A 250 -3.08 -10.65 6.27
CA LEU A 250 -2.24 -11.79 5.91
C LEU A 250 -0.76 -11.43 5.72
N TYR A 251 -0.34 -10.34 6.35
CA TYR A 251 1.02 -9.82 6.25
C TYR A 251 2.09 -10.88 6.01
N ASN A 252 2.25 -11.80 6.97
CA ASN A 252 3.41 -12.68 6.94
C ASN A 252 3.31 -13.89 6.01
N GLU A 253 2.14 -14.05 5.37
CA GLU A 253 1.96 -15.17 4.42
C GLU A 253 2.35 -14.76 3.01
N ARG A 254 2.53 -13.46 2.80
CA ARG A 254 3.12 -12.89 1.57
C ARG A 254 2.22 -13.12 0.38
N VAL A 255 1.14 -12.35 0.35
CA VAL A 255 0.06 -12.55 -0.61
C VAL A 255 -0.15 -11.26 -1.42
N GLY A 256 0.25 -11.32 -2.68
CA GLY A 256 0.06 -10.18 -3.56
C GLY A 256 -0.10 -10.65 -4.99
N ALA A 257 -0.14 -9.71 -5.92
CA ALA A 257 -0.34 -10.06 -7.32
C ALA A 257 0.29 -9.02 -8.21
N CYS A 258 0.88 -9.48 -9.30
CA CYS A 258 1.34 -8.59 -10.35
C CYS A 258 0.47 -8.84 -11.57
N THR A 259 -0.28 -7.81 -11.97
CA THR A 259 -1.22 -7.94 -13.09
C THR A 259 -0.70 -7.12 -14.24
N LEU A 260 -0.51 -7.80 -15.36
CA LEU A 260 -0.04 -7.19 -16.60
C LEU A 260 -1.21 -7.00 -17.55
N VAL A 261 -1.33 -5.80 -18.12
CA VAL A 261 -2.37 -5.51 -19.11
C VAL A 261 -1.70 -5.03 -20.40
N ALA A 262 -2.15 -5.58 -21.52
CA ALA A 262 -1.71 -5.13 -22.85
C ALA A 262 -2.91 -4.95 -23.78
N ALA A 263 -2.63 -4.51 -25.01
CA ALA A 263 -3.68 -4.12 -25.94
C ALA A 263 -4.63 -5.28 -26.28
N ASP A 264 -4.10 -6.50 -26.32
CA ASP A 264 -4.89 -7.67 -26.66
C ASP A 264 -4.32 -8.95 -26.06
N SER A 265 -5.07 -10.04 -26.22
CA SER A 265 -4.71 -11.33 -25.63
CA SER A 265 -4.70 -11.32 -25.61
CA SER A 265 -4.71 -11.34 -25.64
C SER A 265 -3.36 -11.85 -26.12
N GLU A 266 -3.13 -11.76 -27.44
CA GLU A 266 -1.87 -12.24 -28.02
C GLU A 266 -0.70 -11.53 -27.35
N THR A 267 -0.79 -10.21 -27.27
CA THR A 267 0.30 -9.38 -26.77
C THR A 267 0.49 -9.63 -25.27
N VAL A 268 -0.60 -9.64 -24.50
CA VAL A 268 -0.42 -9.88 -23.05
C VAL A 268 0.15 -11.26 -22.78
N ASP A 269 -0.28 -12.27 -23.54
CA ASP A 269 0.24 -13.63 -23.30
C ASP A 269 1.74 -13.73 -23.58
N ARG A 270 2.17 -13.14 -24.68
CA ARG A 270 3.58 -13.09 -25.05
C ARG A 270 4.42 -12.34 -24.00
N ALA A 271 3.99 -11.15 -23.60
CA ALA A 271 4.68 -10.38 -22.55
C ALA A 271 4.67 -11.14 -21.21
N PHE A 272 3.53 -11.73 -20.87
CA PHE A 272 3.42 -12.47 -19.59
C PHE A 272 4.38 -13.66 -19.52
N SER A 273 4.72 -14.24 -20.68
CA SER A 273 5.66 -15.37 -20.68
CA SER A 273 5.67 -15.36 -20.72
C SER A 273 7.02 -14.92 -20.12
N GLN A 274 7.40 -13.68 -20.42
CA GLN A 274 8.62 -13.09 -19.88
C GLN A 274 8.49 -12.68 -18.41
N MET A 275 7.31 -12.29 -17.99
CA MET A 275 7.05 -12.05 -16.58
C MET A 275 7.22 -13.35 -15.79
N LYS A 276 6.68 -14.45 -16.32
CA LYS A 276 6.87 -15.76 -15.69
CA LYS A 276 6.87 -15.78 -15.74
C LYS A 276 8.35 -16.17 -15.66
N ALA A 277 9.09 -15.88 -16.74
CA ALA A 277 10.54 -16.11 -16.73
C ALA A 277 11.23 -15.36 -15.59
N ALA A 278 10.82 -14.11 -15.37
CA ALA A 278 11.40 -13.29 -14.31
C ALA A 278 11.11 -13.86 -12.93
N ILE A 279 9.92 -14.45 -12.78
CA ILE A 279 9.54 -15.11 -11.52
C ILE A 279 10.35 -16.39 -11.31
N ARG A 280 10.46 -17.19 -12.37
CA ARG A 280 11.16 -18.47 -12.30
C ARG A 280 12.59 -18.28 -11.79
N ALA A 281 13.23 -17.18 -12.20
CA ALA A 281 14.63 -16.91 -11.88
C ALA A 281 14.79 -16.18 -10.54
N ASN A 282 13.66 -15.94 -9.86
CA ASN A 282 13.66 -15.24 -8.58
C ASN A 282 13.31 -16.23 -7.46
N TYR A 283 12.03 -16.61 -7.34
CA TYR A 283 11.62 -17.52 -6.26
C TYR A 283 10.88 -18.76 -6.80
N SER A 284 10.92 -18.93 -8.14
CA SER A 284 10.43 -20.12 -8.86
C SER A 284 8.90 -20.16 -9.04
N ASN A 285 8.18 -20.12 -7.92
CA ASN A 285 6.71 -20.19 -7.91
C ASN A 285 6.28 -19.71 -6.52
N PRO A 286 5.04 -19.23 -6.41
CA PRO A 286 4.68 -18.48 -5.20
C PRO A 286 4.13 -19.32 -4.03
N PRO A 287 4.17 -18.77 -2.79
CA PRO A 287 3.74 -19.54 -1.62
C PRO A 287 2.22 -19.73 -1.58
N ALA A 288 1.80 -20.98 -1.40
CA ALA A 288 0.38 -21.33 -1.57
C ALA A 288 -0.50 -20.86 -0.44
N HIS A 289 -0.05 -20.96 0.81
CA HIS A 289 -1.01 -20.91 1.92
C HIS A 289 -1.85 -19.61 1.94
N GLY A 290 -1.19 -18.47 1.92
CA GLY A 290 -1.91 -17.20 2.01
C GLY A 290 -2.82 -16.95 0.82
N ALA A 291 -2.30 -17.20 -0.39
CA ALA A 291 -3.09 -16.96 -1.60
C ALA A 291 -4.25 -17.94 -1.65
N SER A 292 -4.03 -19.16 -1.18
CA SER A 292 -5.12 -20.13 -1.15
CA SER A 292 -5.09 -20.17 -1.10
C SER A 292 -6.22 -19.66 -0.20
N VAL A 293 -5.84 -19.09 0.94
CA VAL A 293 -6.84 -18.47 1.86
C VAL A 293 -7.64 -17.40 1.12
N VAL A 294 -6.94 -16.49 0.43
CA VAL A 294 -7.62 -15.43 -0.32
C VAL A 294 -8.59 -15.99 -1.37
N ALA A 295 -8.11 -16.94 -2.19
CA ALA A 295 -8.97 -17.53 -3.22
C ALA A 295 -10.19 -18.22 -2.59
N THR A 296 -9.97 -18.92 -1.48
CA THR A 296 -11.04 -19.68 -0.83
C THR A 296 -12.12 -18.69 -0.34
N ILE A 297 -11.68 -17.56 0.21
CA ILE A 297 -12.60 -16.56 0.73
C ILE A 297 -13.34 -15.86 -0.40
N LEU A 298 -12.59 -15.34 -1.37
CA LEU A 298 -13.18 -14.51 -2.43
C LEU A 298 -14.17 -15.28 -3.31
N SER A 299 -13.95 -16.58 -3.42
CA SER A 299 -14.76 -17.42 -4.31
C SER A 299 -15.95 -18.09 -3.61
N ASN A 300 -16.13 -17.81 -2.32
CA ASN A 300 -17.22 -18.43 -1.55
C ASN A 300 -18.11 -17.34 -0.98
N ASP A 301 -19.41 -17.38 -1.27
CA ASP A 301 -20.30 -16.27 -0.88
C ASP A 301 -20.29 -16.03 0.62
N ALA A 302 -20.35 -17.10 1.41
CA ALA A 302 -20.39 -17.00 2.87
C ALA A 302 -19.10 -16.39 3.44
N LEU A 303 -17.94 -16.98 3.12
CA LEU A 303 -16.66 -16.46 3.59
C LEU A 303 -16.41 -15.04 3.09
N ARG A 304 -16.76 -14.77 1.84
CA ARG A 304 -16.50 -13.45 1.28
C ARG A 304 -17.33 -12.38 2.05
N ALA A 305 -18.55 -12.72 2.43
CA ALA A 305 -19.39 -11.81 3.21
C ALA A 305 -18.79 -11.52 4.59
N ILE A 306 -18.29 -12.57 5.25
CA ILE A 306 -17.65 -12.39 6.55
C ILE A 306 -16.44 -11.50 6.38
N TRP A 307 -15.63 -11.78 5.36
CA TRP A 307 -14.40 -11.00 5.12
C TRP A 307 -14.71 -9.55 4.80
N GLU A 308 -15.67 -9.30 3.92
CA GLU A 308 -16.00 -7.92 3.55
C GLU A 308 -16.43 -7.12 4.78
N GLN A 309 -17.15 -7.78 5.71
CA GLN A 309 -17.55 -7.07 6.95
C GLN A 309 -16.36 -6.80 7.86
N GLU A 310 -15.43 -7.75 7.93
CA GLU A 310 -14.21 -7.56 8.72
CA GLU A 310 -14.21 -7.56 8.72
C GLU A 310 -13.39 -6.40 8.17
N LEU A 311 -13.34 -6.28 6.85
CA LEU A 311 -12.62 -5.20 6.18
C LEU A 311 -13.31 -3.87 6.47
N THR A 312 -14.64 -3.87 6.36
CA THR A 312 -15.46 -2.69 6.69
C THR A 312 -15.20 -2.24 8.13
N ASP A 313 -15.12 -3.21 9.04
CA ASP A 313 -14.87 -2.92 10.45
C ASP A 313 -13.52 -2.23 10.62
N MET A 314 -12.50 -2.70 9.89
CA MET A 314 -11.18 -2.03 9.93
C MET A 314 -11.27 -0.60 9.39
N ARG A 315 -11.90 -0.46 8.25
CA ARG A 315 -12.01 0.84 7.59
CA ARG A 315 -12.02 0.84 7.59
C ARG A 315 -12.74 1.82 8.50
N GLN A 316 -13.84 1.37 9.07
CA GLN A 316 -14.61 2.21 9.98
C GLN A 316 -13.90 2.56 11.28
N ARG A 317 -13.16 1.61 11.87
CA ARG A 317 -12.40 1.92 13.08
C ARG A 317 -11.33 2.99 12.80
N ILE A 318 -10.66 2.87 11.66
CA ILE A 318 -9.70 3.88 11.22
C ILE A 318 -10.36 5.27 11.12
N GLN A 319 -11.50 5.35 10.44
N GLN A 319 -11.52 5.32 10.46
CA GLN A 319 -12.22 6.62 10.32
CA GLN A 319 -12.28 6.56 10.29
C GLN A 319 -12.59 7.19 11.69
C GLN A 319 -12.74 7.18 11.62
N ARG A 320 -13.10 6.32 12.57
CA ARG A 320 -13.50 6.74 13.92
C ARG A 320 -12.31 7.32 14.68
N MET A 321 -11.13 6.70 14.52
CA MET A 321 -9.94 7.19 15.18
C MET A 321 -9.49 8.54 14.62
N ARG A 322 -9.60 8.71 13.30
CA ARG A 322 -9.32 10.00 12.67
C ARG A 322 -10.20 11.10 13.27
N GLN A 323 -11.50 10.83 13.38
CA GLN A 323 -12.44 11.79 13.97
C GLN A 323 -12.15 12.04 15.45
N LEU A 324 -11.88 10.98 16.20
CA LEU A 324 -11.61 11.09 17.64
CA LEU A 324 -11.61 11.09 17.63
C LEU A 324 -10.33 11.89 17.89
N PHE A 325 -9.32 11.66 17.04
CA PHE A 325 -8.04 12.37 17.14
C PHE A 325 -8.27 13.87 16.97
N VAL A 326 -9.00 14.26 15.94
CA VAL A 326 -9.25 15.69 15.66
C VAL A 326 -10.05 16.33 16.81
N ASN A 327 -11.13 15.67 17.24
CA ASN A 327 -11.94 16.17 18.35
C ASN A 327 -11.13 16.34 19.64
N THR A 328 -10.32 15.33 19.96
CA THR A 328 -9.57 15.30 21.21
C THR A 328 -8.44 16.33 21.24
N LEU A 329 -7.80 16.55 20.09
CA LEU A 329 -6.79 17.60 19.98
C LEU A 329 -7.43 18.97 20.24
N GLN A 330 -8.61 19.21 19.67
CA GLN A 330 -9.35 20.46 19.91
C GLN A 330 -9.69 20.61 21.41
N GLU A 331 -10.21 19.54 22.01
N GLU A 331 -10.24 19.54 21.98
CA GLU A 331 -10.59 19.49 23.43
CA GLU A 331 -10.58 19.46 23.39
C GLU A 331 -9.40 19.57 24.41
C GLU A 331 -9.38 19.73 24.30
N LYS A 332 -8.22 19.15 23.96
CA LYS A 332 -6.99 19.28 24.78
C LYS A 332 -6.25 20.61 24.54
N GLY A 333 -6.86 21.48 23.74
CA GLY A 333 -6.35 22.84 23.54
C GLY A 333 -5.26 23.02 22.49
N ALA A 334 -5.27 22.20 21.44
CA ALA A 334 -4.34 22.36 20.32
C ALA A 334 -4.49 23.71 19.63
N ASN A 335 -5.72 24.19 19.54
CA ASN A 335 -6.02 25.54 18.99
C ASN A 335 -5.42 25.76 17.59
N ARG A 336 -5.63 24.78 16.73
CA ARG A 336 -4.95 24.66 15.44
C ARG A 336 -5.74 23.65 14.61
N ASP A 337 -5.80 23.89 13.30
CA ASP A 337 -6.68 23.10 12.45
C ASP A 337 -6.03 21.76 12.09
N PHE A 338 -6.63 20.67 12.58
CA PHE A 338 -6.23 19.31 12.19
C PHE A 338 -7.30 18.61 11.35
N SER A 339 -8.29 19.38 10.85
CA SER A 339 -9.42 18.81 10.10
CA SER A 339 -9.41 18.83 10.09
C SER A 339 -8.98 18.00 8.88
N PHE A 340 -7.79 18.28 8.36
CA PHE A 340 -7.25 17.51 7.23
C PHE A 340 -7.19 15.99 7.53
N ILE A 341 -7.04 15.65 8.82
CA ILE A 341 -6.98 14.25 9.25
C ILE A 341 -8.28 13.48 8.90
N ILE A 342 -9.43 14.15 9.00
CA ILE A 342 -10.71 13.51 8.70
CA ILE A 342 -10.71 13.50 8.71
C ILE A 342 -10.85 13.17 7.22
N LYS A 343 -10.24 13.99 6.37
CA LYS A 343 -10.43 13.82 4.94
CA LYS A 343 -10.35 13.90 4.91
C LYS A 343 -9.42 12.84 4.32
N GLN A 344 -8.37 12.52 5.06
CA GLN A 344 -7.34 11.61 4.56
C GLN A 344 -7.77 10.14 4.71
N ASN A 345 -7.17 9.26 3.91
CA ASN A 345 -7.69 7.90 3.72
C ASN A 345 -6.68 6.85 4.11
N GLY A 346 -7.10 5.90 4.94
CA GLY A 346 -6.25 4.76 5.28
C GLY A 346 -5.61 4.94 6.64
N MET A 347 -4.58 4.13 6.90
CA MET A 347 -3.97 4.10 8.23
CA MET A 347 -3.98 4.11 8.23
C MET A 347 -3.04 5.29 8.48
N PHE A 348 -2.50 5.86 7.41
CA PHE A 348 -1.39 6.82 7.56
C PHE A 348 -1.74 8.25 7.22
N SER A 349 -1.20 9.15 8.02
CA SER A 349 -1.18 10.58 7.72
C SER A 349 0.11 11.21 8.22
N PHE A 350 0.49 12.32 7.59
CA PHE A 350 1.45 13.24 8.21
C PHE A 350 0.70 14.04 9.26
N SER A 351 1.23 14.07 10.47
CA SER A 351 0.63 14.82 11.56
C SER A 351 0.86 16.32 11.39
N GLY A 352 1.91 16.67 10.66
CA GLY A 352 2.29 18.08 10.51
C GLY A 352 3.34 18.48 11.54
N LEU A 353 3.71 17.55 12.41
CA LEU A 353 4.80 17.76 13.37
C LEU A 353 6.16 17.70 12.68
N THR A 354 7.10 18.48 13.18
CA THR A 354 8.45 18.47 12.65
C THR A 354 9.24 17.28 13.17
N LYS A 355 10.39 17.02 12.55
CA LYS A 355 11.27 15.95 13.02
C LYS A 355 11.65 16.13 14.48
N GLU A 356 11.86 17.37 14.92
CA GLU A 356 12.24 17.61 16.31
C GLU A 356 11.09 17.42 17.28
N GLN A 357 9.88 17.79 16.87
CA GLN A 357 8.70 17.55 17.69
C GLN A 357 8.50 16.06 17.84
N VAL A 358 8.73 15.32 16.76
CA VAL A 358 8.62 13.85 16.81
C VAL A 358 9.64 13.26 17.79
N LEU A 359 10.88 13.73 17.70
CA LEU A 359 11.92 13.31 18.63
C LEU A 359 11.54 13.65 20.08
N ARG A 360 11.03 14.86 20.31
CA ARG A 360 10.58 15.28 21.63
CA ARG A 360 10.60 15.27 21.64
C ARG A 360 9.44 14.42 22.16
N LEU A 361 8.51 14.06 21.27
N LEU A 361 8.49 14.08 21.27
CA LEU A 361 7.39 13.20 21.67
CA LEU A 361 7.39 13.20 21.64
C LEU A 361 7.87 11.85 22.19
C LEU A 361 7.90 11.88 22.20
N ARG A 362 8.87 11.29 21.51
CA ARG A 362 9.47 10.03 21.93
CA ARG A 362 9.47 10.03 21.93
C ARG A 362 10.24 10.18 23.24
N GLU A 363 11.14 11.16 23.29
CA GLU A 363 11.99 11.31 24.45
C GLU A 363 11.26 11.71 25.73
N GLU A 364 10.36 12.69 25.65
CA GLU A 364 9.71 13.21 26.85
CA GLU A 364 9.70 13.21 26.84
C GLU A 364 8.39 12.52 27.19
N PHE A 365 7.68 12.05 26.17
CA PHE A 365 6.33 11.52 26.38
C PHE A 365 6.11 10.04 26.04
N GLY A 366 7.12 9.40 25.45
CA GLY A 366 7.01 7.98 25.10
C GLY A 366 5.99 7.73 24.00
N VAL A 367 5.72 8.76 23.19
CA VAL A 367 4.87 8.65 22.00
C VAL A 367 5.77 8.53 20.76
N TYR A 368 5.59 7.43 20.02
CA TYR A 368 6.48 7.06 18.94
C TYR A 368 5.81 7.25 17.57
N ALA A 369 6.38 8.13 16.74
CA ALA A 369 6.01 8.20 15.33
C ALA A 369 7.29 8.08 14.48
N VAL A 370 7.13 7.93 13.17
CA VAL A 370 8.25 7.99 12.22
CA VAL A 370 8.32 7.97 12.32
C VAL A 370 8.81 9.42 12.22
N ALA A 371 10.13 9.59 12.03
CA ALA A 371 10.76 10.95 11.94
C ALA A 371 10.11 11.98 11.00
N SER A 372 9.48 11.51 9.91
CA SER A 372 8.71 12.39 9.02
C SER A 372 7.40 12.94 9.60
N GLY A 373 7.02 12.44 10.77
CA GLY A 373 5.77 12.86 11.40
C GLY A 373 4.60 11.99 10.97
N ARG A 374 4.87 10.93 10.20
CA ARG A 374 3.83 10.00 9.81
C ARG A 374 3.33 9.25 11.04
N VAL A 375 2.02 9.16 11.14
CA VAL A 375 1.42 8.41 12.23
C VAL A 375 0.47 7.38 11.65
N ASN A 376 0.40 6.24 12.34
CA ASN A 376 -0.57 5.20 12.04
CA ASN A 376 -0.57 5.20 12.04
C ASN A 376 -1.78 5.39 12.94
N VAL A 377 -2.88 5.87 12.39
CA VAL A 377 -4.10 6.13 13.16
CA VAL A 377 -4.07 6.13 13.22
C VAL A 377 -4.65 4.86 13.84
N ALA A 378 -4.37 3.70 13.25
CA ALA A 378 -4.78 2.42 13.87
C ALA A 378 -4.00 2.09 15.16
N GLY A 379 -2.93 2.84 15.45
CA GLY A 379 -2.26 2.75 16.76
C GLY A 379 -2.99 3.54 17.85
N MET A 380 -4.03 4.26 17.45
CA MET A 380 -4.85 5.03 18.38
C MET A 380 -6.06 4.22 18.84
N THR A 381 -6.43 4.40 20.10
CA THR A 381 -7.61 3.77 20.65
C THR A 381 -8.36 4.80 21.51
N PRO A 382 -9.65 4.55 21.80
CA PRO A 382 -10.36 5.41 22.74
C PRO A 382 -9.59 5.58 24.06
N ASP A 383 -8.95 4.51 24.53
CA ASP A 383 -8.24 4.54 25.81
C ASP A 383 -6.91 5.31 25.79
N ASN A 384 -6.19 5.28 24.67
CA ASN A 384 -4.93 6.02 24.59
C ASN A 384 -5.01 7.41 23.96
N MET A 385 -6.19 7.80 23.49
CA MET A 385 -6.32 9.06 22.76
C MET A 385 -6.01 10.30 23.61
N ALA A 386 -6.56 10.38 24.82
CA ALA A 386 -6.35 11.56 25.66
C ALA A 386 -4.87 11.81 25.97
N PRO A 387 -4.15 10.81 26.55
CA PRO A 387 -2.73 11.06 26.82
C PRO A 387 -1.91 11.34 25.56
N LEU A 388 -2.24 10.66 24.45
CA LEU A 388 -1.59 10.89 23.17
CA LEU A 388 -1.60 10.88 23.17
C LEU A 388 -1.74 12.35 22.76
N CYS A 389 -2.97 12.86 22.85
CA CYS A 389 -3.26 14.22 22.42
C CYS A 389 -2.67 15.27 23.37
N GLU A 390 -2.65 14.95 24.66
CA GLU A 390 -2.02 15.82 25.65
C GLU A 390 -0.52 15.96 25.37
N ALA A 391 0.11 14.83 25.01
CA ALA A 391 1.51 14.82 24.62
C ALA A 391 1.77 15.70 23.39
N ILE A 392 0.92 15.56 22.36
CA ILE A 392 1.07 16.34 21.12
C ILE A 392 0.90 17.83 21.38
N VAL A 393 -0.15 18.20 22.10
CA VAL A 393 -0.40 19.60 22.44
C VAL A 393 0.83 20.19 23.16
N ALA A 394 1.41 19.41 24.06
CA ALA A 394 2.58 19.86 24.82
C ALA A 394 3.81 20.23 23.97
N VAL A 395 3.93 19.63 22.79
CA VAL A 395 5.09 19.91 21.92
C VAL A 395 4.80 20.93 20.81
N LEU A 396 3.55 21.38 20.69
CA LEU A 396 3.18 22.33 19.64
C LEU A 396 3.85 23.69 19.83
O1 PJ7 B . 4.36 1.99 5.76
O1 PJ7 B . 6.90 -3.48 5.38
O2 PJ7 B . 6.05 0.71 6.24
O2 PJ7 B . 7.17 -1.31 5.54
O3 PJ7 B . 4.75 -1.48 6.26
O3 PJ7 B . 4.45 -0.91 6.05
C5 PJ7 B . 2.59 -2.21 5.83
C5 PJ7 B . 2.72 -2.42 5.77
C6 PJ7 B . 3.86 -2.66 6.17
C6 PJ7 B . 2.97 -1.09 6.12
C7 PJ7 B . 2.66 -0.81 5.69
C7 PJ7 B . 3.93 -3.04 5.49
C8 PJ7 B . 3.99 -0.40 5.96
C8 PJ7 B . 4.95 -2.13 5.67
C9 PJ7 B . 4.83 0.85 6.00
C9 PJ7 B . 6.43 -2.31 5.52
N1 PMP C . 3.24 -0.68 -1.51
C2 PMP C . 2.83 0.21 -0.53
C2A PMP C . 2.41 1.59 -0.93
C3 PMP C . 2.83 -0.20 0.81
O3 PMP C . 2.45 0.66 1.79
C4 PMP C . 3.23 -1.51 1.12
C4A PMP C . 3.13 -1.98 2.55
N4A PMP C . 1.83 -2.65 2.75
C5 PMP C . 3.66 -2.37 0.11
C6 PMP C . 3.55 -1.98 -1.21
C5A PMP C . 4.27 -3.74 0.41
O4P PMP C . 3.21 -4.66 0.70
P PMP C . 3.59 -6.11 1.24
O1P PMP C . 4.84 -6.60 0.52
O2P PMP C . 2.41 -7.01 0.91
O3P PMP C . 3.84 -6.04 2.73
C1 GOL D . 21.21 2.64 -9.13
O1 GOL D . 20.47 2.30 -7.98
C2 GOL D . 20.51 2.08 -10.36
O2 GOL D . 19.98 3.14 -11.11
C3 GOL D . 21.54 1.33 -11.20
O3 GOL D . 21.56 -0.03 -10.82
C1 GOL E . 11.54 -19.45 -17.26
O1 GOL E . 12.81 -19.94 -17.63
C2 GOL E . 10.40 -20.21 -17.92
O2 GOL E . 10.29 -21.48 -17.32
C3 GOL E . 9.13 -19.44 -17.68
O3 GOL E . 7.99 -20.17 -18.09
C1 GOL F . -19.47 4.81 4.94
C1 GOL F . -16.55 5.66 7.95
O1 GOL F . -20.41 4.48 3.95
O1 GOL F . -15.98 4.63 7.17
C2 GOL F . -19.15 3.56 5.77
C2 GOL F . -17.65 5.09 8.82
O2 GOL F . -18.66 3.96 7.02
O2 GOL F . -18.91 5.31 8.21
C3 GOL F . -18.11 2.71 5.06
C3 GOL F . -17.62 5.75 10.19
O3 GOL F . -16.81 3.19 5.36
O3 GOL F . -16.61 5.16 10.97
C1 GOL G . 6.64 -4.02 9.45
O1 GOL G . 6.60 -3.86 10.85
C2 GOL G . 7.89 -4.80 9.09
O2 GOL G . 8.06 -5.93 9.93
C3 GOL G . 7.82 -5.22 7.63
O3 GOL G . 8.51 -4.24 6.90
C1 GOL H . -14.34 -2.54 2.12
C1 GOL H . -16.74 -2.02 1.69
O1 GOL H . -14.21 -1.33 2.83
O1 GOL H . -16.56 -1.97 0.29
C2 GOL H . -15.80 -2.81 1.81
C2 GOL H . -16.35 -3.40 2.23
O2 GOL H . -16.09 -2.35 0.51
O2 GOL H . -15.05 -3.38 2.77
C3 GOL H . -16.08 -4.31 1.91
C3 GOL H . -16.50 -4.48 1.18
O3 GOL H . -17.47 -4.52 1.72
O3 GOL H . -17.84 -4.57 0.76
C1 GOL I . -5.02 -14.17 -16.09
O1 GOL I . -3.89 -14.66 -15.43
C2 GOL I . -6.25 -14.97 -15.70
O2 GOL I . -6.04 -16.27 -16.19
C3 GOL I . -6.38 -14.92 -14.18
O3 GOL I . -5.96 -16.14 -13.61
C1 GOL J . 6.17 17.43 5.70
O1 GOL J . 6.72 17.23 4.41
C2 GOL J . 6.37 16.21 6.59
O2 GOL J . 6.40 16.62 7.95
C3 GOL J . 7.65 15.43 6.25
O3 GOL J . 8.80 16.16 6.59
C1 GOL K . -15.19 -22.86 0.86
O1 GOL K . -15.11 -23.62 -0.33
C2 GOL K . -15.68 -23.75 1.98
O2 GOL K . -17.07 -23.93 1.89
C3 GOL K . -15.28 -23.17 3.33
O3 GOL K . -16.41 -22.87 4.10
C1 GOL L . -12.37 10.47 -2.85
O1 GOL L . -12.77 10.59 -1.50
C2 GOL L . -11.01 9.78 -2.93
O2 GOL L . -10.91 8.85 -1.88
C3 GOL L . -10.82 9.00 -4.23
O3 GOL L . -11.12 9.81 -5.34
C1 GOL M . -18.77 -1.38 -0.84
O1 GOL M . -18.35 -1.11 0.48
C2 GOL M . -17.70 -0.93 -1.84
O2 GOL M . -17.50 -1.89 -2.83
C3 GOL M . -18.11 0.36 -2.51
O3 GOL M . -16.92 1.06 -2.81
C1 GOL N . -12.22 10.27 -3.59
O1 GOL N . -11.75 11.59 -3.57
C2 GOL N . -11.50 9.43 -2.53
O2 GOL N . -10.11 9.53 -2.75
C3 GOL N . -11.87 9.90 -1.12
O3 GOL N . -10.93 10.85 -0.66
S SO4 O . -9.01 -23.58 -12.28
O1 SO4 O . -8.93 -22.69 -13.46
O2 SO4 O . -7.67 -24.15 -12.01
O3 SO4 O . -9.97 -24.67 -12.56
O4 SO4 O . -9.48 -22.84 -11.08
S SO4 P . 7.79 23.69 26.66
O1 SO4 P . 8.55 23.28 25.46
O2 SO4 P . 8.33 24.97 27.18
O3 SO4 P . 7.92 22.63 27.70
O4 SO4 P . 6.37 23.88 26.31
S SO4 Q . -0.16 -19.26 -21.40
O1 SO4 Q . 0.74 -20.28 -21.98
O2 SO4 Q . -0.09 -18.02 -22.21
O3 SO4 Q . 0.27 -18.97 -20.01
O4 SO4 Q . -1.55 -19.76 -21.39
S SO4 R . 18.85 6.32 -8.82
O1 SO4 R . 18.96 7.71 -9.33
O2 SO4 R . 19.46 5.42 -9.83
O3 SO4 R . 17.42 6.02 -8.56
O4 SO4 R . 19.62 6.21 -7.55
#